data_7ZOF
#
_entry.id   7ZOF
#
_cell.length_a   115.251
_cell.length_b   89.439
_cell.length_c   57.167
_cell.angle_alpha   90.000
_cell.angle_beta   97.540
_cell.angle_gamma   90.000
#
_symmetry.space_group_name_H-M   'C 1 2 1'
#
loop_
_entity.id
_entity.type
_entity.pdbx_description
1 polymer Streptavidin
2 non-polymer '(2R)-2-[5-[(3aS,4S,6aR)-2-oxidanylidene-1,3,3a,4,6,6a-hexahydrothieno[3,4-d]imidazol-4-yl]pentanoylamino]-3-[[(5Z,10Z,14Z,19Z)-15-[[[(2R)-2-[5-[(3aS,4S,6aR)-2-oxidanylidene-1,3,3a,4,6,6a-hexahydrothieno[3,4-d]imidazol-4-yl]pentanoylamino]-3-sulfo-propanoyl]amino]methyl]-1,4,21,23-tetrahydroporphyrin-5-yl]methylamino]-3-oxidanylidene-propane-1-sulfonic acid'
3 non-polymer IMIDAZOLE
4 non-polymer 'FE (III) ION'
5 water water
#
_entity_poly.entity_id   1
_entity_poly.type   'polypeptide(L)'
_entity_poly.pdbx_seq_one_letter_code
;ASMTGGQQMGRDEAGITGTWYNQLGSTFIVTAGADGALTGTYESAVGNAESRYVLTGRYDSAPATDGSGTALGWTVAWKN
NYRNAHSATTWSGQYVGGAEARINTQWLLTAGTTEANAWASTLVGHDTFTKVKPSAASIDAAKKAGVNNGNPLDAVQQ
;
_entity_poly.pdbx_strand_id   A,B,C,D
#
# COMPACT_ATOMS: atom_id res chain seq x y z
N ASP A 12 -20.48 3.23 -17.85
CA ASP A 12 -20.82 3.98 -16.61
C ASP A 12 -20.43 5.44 -16.80
N GLU A 13 -20.47 5.87 -18.05
CA GLU A 13 -19.99 7.19 -18.41
C GLU A 13 -20.70 8.22 -17.54
N ALA A 14 -22.05 8.14 -17.49
CA ALA A 14 -22.85 9.10 -16.73
C ALA A 14 -23.01 8.67 -15.28
N GLY A 15 -22.76 7.39 -15.00
CA GLY A 15 -22.60 6.89 -13.63
C GLY A 15 -21.48 7.59 -12.89
N ILE A 16 -20.32 7.73 -13.55
CA ILE A 16 -19.11 8.28 -12.94
C ILE A 16 -19.08 9.81 -13.08
N THR A 17 -19.59 10.34 -14.19
CA THR A 17 -19.44 11.77 -14.45
C THR A 17 -20.15 12.56 -13.36
N GLY A 18 -19.52 13.59 -12.82
CA GLY A 18 -20.19 14.42 -11.83
C GLY A 18 -19.36 14.65 -10.59
N THR A 19 -20.05 14.98 -9.49
CA THR A 19 -19.39 15.55 -8.32
C THR A 19 -19.41 14.49 -7.23
N TRP A 20 -18.23 14.27 -6.61
CA TRP A 20 -18.11 13.28 -5.56
C TRP A 20 -17.38 13.89 -4.34
N TYR A 21 -17.74 13.39 -3.15
CA TYR A 21 -17.18 13.87 -1.89
C TYR A 21 -16.64 12.67 -1.11
N ASN A 22 -15.46 12.83 -0.49
CA ASN A 22 -14.95 11.76 0.38
C ASN A 22 -15.21 12.12 1.83
N GLN A 23 -14.76 11.22 2.72
CA GLN A 23 -14.99 11.29 4.15
C GLN A 23 -14.23 12.45 4.79
N LEU A 24 -13.27 13.07 4.09
CA LEU A 24 -12.55 14.21 4.63
C LEU A 24 -13.23 15.53 4.23
N GLY A 25 -14.25 15.46 3.37
CA GLY A 25 -14.87 16.67 2.82
C GLY A 25 -14.19 17.17 1.55
N SER A 26 -13.33 16.35 0.95
CA SER A 26 -12.74 16.72 -0.33
C SER A 26 -13.79 16.53 -1.43
N THR A 27 -13.57 17.20 -2.56
CA THR A 27 -14.49 17.19 -3.69
C THR A 27 -13.78 16.88 -4.99
N PHE A 28 -14.34 15.90 -5.68
CA PHE A 28 -13.81 15.32 -6.91
C PHE A 28 -14.86 15.56 -8.00
N ILE A 29 -14.56 16.43 -8.96
CA ILE A 29 -15.46 16.70 -10.08
C ILE A 29 -14.85 16.12 -11.36
N VAL A 30 -15.55 15.16 -11.95
CA VAL A 30 -14.96 14.37 -13.00
C VAL A 30 -15.91 14.24 -14.19
N THR A 31 -15.30 14.22 -15.38
CA THR A 31 -15.96 13.82 -16.62
C THR A 31 -15.33 12.53 -17.17
N ALA A 32 -16.16 11.50 -17.36
CA ALA A 32 -15.81 10.24 -18.00
C ALA A 32 -16.13 10.31 -19.49
N GLY A 33 -15.12 10.17 -20.36
CA GLY A 33 -15.32 9.98 -21.79
C GLY A 33 -15.66 8.56 -22.21
N ALA A 34 -16.17 8.45 -23.46
CA ALA A 34 -16.57 7.16 -24.02
C ALA A 34 -15.34 6.26 -24.18
N ASP A 35 -14.20 6.91 -24.40
CA ASP A 35 -12.92 6.30 -24.70
C ASP A 35 -12.14 5.82 -23.47
N GLY A 36 -12.75 5.81 -22.27
CA GLY A 36 -12.07 5.44 -21.03
C GLY A 36 -11.36 6.57 -20.29
N ALA A 37 -11.42 7.79 -20.81
CA ALA A 37 -10.75 8.93 -20.19
C ALA A 37 -11.50 9.47 -18.96
N LEU A 38 -10.72 9.91 -17.95
CA LEU A 38 -11.24 10.69 -16.83
C LEU A 38 -10.49 12.01 -16.85
N THR A 39 -11.23 13.10 -16.64
N THR A 39 -11.22 13.14 -16.77
CA THR A 39 -10.65 14.43 -16.59
CA THR A 39 -10.59 14.44 -16.59
C THR A 39 -11.47 15.26 -15.61
C THR A 39 -11.44 15.24 -15.60
N GLY A 40 -10.82 16.15 -14.87
CA GLY A 40 -11.59 16.91 -13.89
C GLY A 40 -10.71 17.71 -12.96
N THR A 41 -11.31 18.03 -11.82
CA THR A 41 -10.62 18.78 -10.81
C THR A 41 -10.84 18.15 -9.45
N TYR A 42 -9.85 18.41 -8.60
CA TYR A 42 -9.85 17.89 -7.24
C TYR A 42 -9.58 19.05 -6.29
N GLU A 43 -10.34 19.09 -5.19
CA GLU A 43 -10.09 20.05 -4.13
C GLU A 43 -9.99 19.28 -2.82
N SER A 44 -8.83 19.36 -2.16
CA SER A 44 -8.64 18.62 -0.92
C SER A 44 -9.02 19.48 0.28
N ALA A 45 -9.76 18.90 1.22
CA ALA A 45 -10.07 19.53 2.49
C ALA A 45 -8.87 19.56 3.47
N VAL A 46 -7.78 18.82 3.18
CA VAL A 46 -6.65 18.64 4.07
C VAL A 46 -5.33 18.79 3.31
N GLY A 47 -4.24 18.92 4.08
CA GLY A 47 -2.87 18.90 3.59
C GLY A 47 -2.45 20.21 2.95
N ASN A 48 -1.41 20.15 2.14
CA ASN A 48 -0.82 21.38 1.62
C ASN A 48 -1.49 21.70 0.29
N ALA A 49 -2.77 22.12 0.37
CA ALA A 49 -3.56 22.20 -0.85
C ALA A 49 -4.53 23.36 -0.74
N GLU A 50 -4.56 24.19 -1.79
CA GLU A 50 -5.51 25.29 -1.88
C GLU A 50 -6.12 25.35 -3.27
N SER A 51 -7.45 25.42 -3.32
CA SER A 51 -8.22 25.56 -4.54
C SER A 51 -8.15 24.23 -5.31
N ARG A 52 -8.52 24.28 -6.60
CA ARG A 52 -8.71 23.08 -7.42
C ARG A 52 -7.41 22.70 -8.12
N TYR A 53 -7.23 21.39 -8.34
CA TYR A 53 -6.08 20.88 -9.08
C TYR A 53 -6.61 19.98 -10.20
N VAL A 54 -5.86 19.95 -11.30
CA VAL A 54 -6.19 19.13 -12.46
C VAL A 54 -6.02 17.65 -12.08
N LEU A 55 -6.95 16.82 -12.53
CA LEU A 55 -6.78 15.37 -12.50
C LEU A 55 -7.02 14.79 -13.87
N THR A 56 -6.37 13.65 -14.10
CA THR A 56 -6.59 12.86 -15.29
C THR A 56 -6.49 11.41 -14.85
N GLY A 57 -7.23 10.56 -15.52
CA GLY A 57 -7.18 9.14 -15.22
C GLY A 57 -7.87 8.33 -16.29
N ARG A 58 -8.18 7.08 -15.93
CA ARG A 58 -8.75 6.12 -16.86
C ARG A 58 -9.77 5.27 -16.10
N TYR A 59 -10.77 4.76 -16.80
CA TYR A 59 -11.67 3.80 -16.21
C TYR A 59 -12.01 2.72 -17.25
N ASP A 60 -12.54 1.60 -16.76
CA ASP A 60 -12.98 0.49 -17.59
C ASP A 60 -14.30 0.86 -18.26
N SER A 61 -14.25 1.18 -19.56
CA SER A 61 -15.44 1.65 -20.26
C SER A 61 -16.29 0.49 -20.77
N ALA A 62 -15.95 -0.76 -20.44
CA ALA A 62 -16.81 -1.89 -20.77
C ALA A 62 -16.77 -2.89 -19.62
N PRO A 63 -17.33 -2.54 -18.45
CA PRO A 63 -17.18 -3.37 -17.26
C PRO A 63 -17.97 -4.66 -17.37
N ALA A 64 -17.70 -5.61 -16.49
CA ALA A 64 -18.47 -6.84 -16.44
C ALA A 64 -19.92 -6.54 -16.08
N THR A 65 -20.82 -7.49 -16.40
CA THR A 65 -22.25 -7.33 -16.15
C THR A 65 -22.71 -8.24 -15.01
N ASP A 66 -21.75 -8.69 -14.17
CA ASP A 66 -22.02 -9.71 -13.17
C ASP A 66 -22.22 -9.09 -11.78
N GLY A 67 -22.32 -7.76 -11.67
CA GLY A 67 -22.43 -7.12 -10.37
C GLY A 67 -21.09 -6.63 -9.79
N SER A 68 -19.99 -6.89 -10.50
CA SER A 68 -18.66 -6.35 -10.18
C SER A 68 -18.65 -4.84 -10.38
N GLY A 69 -17.84 -4.13 -9.59
CA GLY A 69 -17.67 -2.71 -9.82
C GLY A 69 -16.87 -2.42 -11.09
N THR A 70 -16.75 -1.14 -11.38
CA THR A 70 -16.04 -0.63 -12.52
C THR A 70 -14.68 -0.10 -12.07
N ALA A 71 -13.58 -0.69 -12.56
CA ALA A 71 -12.26 -0.29 -12.09
C ALA A 71 -11.91 1.08 -12.68
N LEU A 72 -11.21 1.90 -11.88
CA LEU A 72 -10.72 3.19 -12.36
C LEU A 72 -9.55 3.68 -11.52
N GLY A 73 -8.89 4.70 -12.04
CA GLY A 73 -7.84 5.37 -11.32
C GLY A 73 -7.66 6.78 -11.86
N TRP A 74 -7.08 7.65 -11.02
CA TRP A 74 -6.70 9.00 -11.44
C TRP A 74 -5.52 9.52 -10.62
N THR A 75 -4.91 10.57 -11.15
CA THR A 75 -3.77 11.23 -10.57
C THR A 75 -4.06 12.72 -10.41
N VAL A 76 -3.60 13.26 -9.28
CA VAL A 76 -3.40 14.68 -9.06
C VAL A 76 -1.93 14.93 -8.76
N ALA A 77 -1.29 15.81 -9.55
CA ALA A 77 -0.06 16.43 -9.09
C ALA A 77 -0.39 17.74 -8.39
N TRP A 78 0.15 17.96 -7.19
CA TRP A 78 -0.31 19.00 -6.26
C TRP A 78 0.36 20.34 -6.55
N LYS A 79 0.22 20.75 -7.81
CA LYS A 79 0.71 22.04 -8.31
C LYS A 79 -0.43 22.69 -9.06
N ASN A 80 -0.75 23.94 -8.65
CA ASN A 80 -1.74 24.73 -9.37
C ASN A 80 -1.21 26.17 -9.42
N ASN A 81 -2.10 27.14 -9.70
CA ASN A 81 -1.66 28.52 -9.82
C ASN A 81 -1.21 29.04 -8.45
N TYR A 82 -1.77 28.48 -7.38
CA TYR A 82 -1.65 28.99 -6.04
C TYR A 82 -0.46 28.37 -5.30
N ARG A 83 -0.21 27.06 -5.48
CA ARG A 83 0.72 26.35 -4.62
C ARG A 83 1.36 25.17 -5.37
N ASN A 84 2.54 24.75 -4.88
CA ASN A 84 3.22 23.54 -5.33
C ASN A 84 3.65 22.75 -4.09
N ALA A 85 3.09 21.56 -3.89
CA ALA A 85 3.46 20.69 -2.79
C ALA A 85 4.56 19.71 -3.17
N HIS A 86 4.99 19.68 -4.43
CA HIS A 86 6.03 18.77 -4.87
C HIS A 86 5.65 17.34 -4.49
N SER A 87 4.45 16.96 -4.89
CA SER A 87 3.89 15.65 -4.56
C SER A 87 2.76 15.34 -5.56
N ALA A 88 2.41 14.05 -5.62
CA ALA A 88 1.34 13.58 -6.46
C ALA A 88 0.61 12.44 -5.75
N THR A 89 -0.71 12.41 -5.91
CA THR A 89 -1.51 11.31 -5.38
C THR A 89 -2.15 10.58 -6.53
N THR A 90 -2.15 9.23 -6.45
CA THR A 90 -2.95 8.42 -7.34
C THR A 90 -3.98 7.68 -6.49
N TRP A 91 -5.22 7.66 -6.97
CA TRP A 91 -6.28 6.86 -6.41
C TRP A 91 -6.58 5.70 -7.35
N SER A 92 -6.66 4.49 -6.79
CA SER A 92 -6.97 3.29 -7.52
C SER A 92 -8.18 2.63 -6.85
N GLY A 93 -9.22 2.33 -7.61
CA GLY A 93 -10.43 1.84 -6.97
C GLY A 93 -11.51 1.38 -7.96
N GLN A 94 -12.74 1.31 -7.45
CA GLN A 94 -13.85 0.92 -8.29
C GLN A 94 -15.10 1.68 -7.91
N TYR A 95 -15.84 1.97 -8.97
CA TYR A 95 -17.16 2.58 -8.92
C TYR A 95 -18.18 1.47 -8.70
N VAL A 96 -19.00 1.63 -7.64
CA VAL A 96 -20.07 0.68 -7.38
C VAL A 96 -21.39 1.43 -7.53
N GLY A 97 -22.22 0.97 -8.48
CA GLY A 97 -23.49 1.62 -8.78
C GLY A 97 -24.66 1.05 -7.97
N GLY A 98 -25.85 1.04 -8.59
CA GLY A 98 -27.05 0.62 -7.91
C GLY A 98 -27.57 1.73 -7.01
N ALA A 99 -28.14 1.34 -5.86
CA ALA A 99 -28.98 2.18 -5.03
C ALA A 99 -28.18 3.29 -4.36
N GLU A 100 -27.09 2.91 -3.66
CA GLU A 100 -26.17 3.84 -3.02
C GLU A 100 -24.81 3.75 -3.72
N ALA A 101 -24.62 4.67 -4.66
CA ALA A 101 -23.46 4.76 -5.53
C ALA A 101 -22.22 5.22 -4.75
N ARG A 102 -21.06 4.60 -4.98
CA ARG A 102 -19.83 5.03 -4.31
C ARG A 102 -18.60 4.68 -5.14
N ILE A 103 -17.52 5.43 -4.91
CA ILE A 103 -16.21 5.06 -5.44
C ILE A 103 -15.29 4.74 -4.26
N ASN A 104 -14.92 3.48 -4.17
CA ASN A 104 -14.10 2.95 -3.09
C ASN A 104 -12.67 2.95 -3.62
N THR A 105 -11.77 3.69 -2.94
CA THR A 105 -10.40 3.82 -3.41
C THR A 105 -9.38 3.55 -2.31
N GLN A 106 -8.19 3.20 -2.77
CA GLN A 106 -6.98 3.35 -2.01
C GLN A 106 -6.07 4.26 -2.81
N TRP A 107 -5.19 4.96 -2.09
CA TRP A 107 -4.35 5.95 -2.71
C TRP A 107 -2.91 5.89 -2.22
N LEU A 108 -2.02 6.42 -3.07
CA LEU A 108 -0.60 6.58 -2.80
C LEU A 108 -0.24 8.02 -3.09
N LEU A 109 0.28 8.68 -2.06
CA LEU A 109 0.77 10.05 -2.17
C LEU A 109 2.29 10.05 -2.06
N THR A 110 2.99 10.38 -3.14
CA THR A 110 4.43 10.40 -3.20
C THR A 110 4.91 11.87 -3.20
N ALA A 111 5.82 12.17 -2.26
CA ALA A 111 6.49 13.48 -2.18
C ALA A 111 7.85 13.34 -2.82
N GLY A 112 8.28 14.39 -3.54
CA GLY A 112 9.66 14.42 -4.03
C GLY A 112 10.63 14.38 -2.86
N THR A 113 11.61 13.48 -2.88
CA THR A 113 12.55 13.42 -1.76
C THR A 113 13.92 13.25 -2.38
N THR A 114 14.98 13.42 -1.56
CA THR A 114 16.30 12.94 -1.93
C THR A 114 16.30 11.41 -1.97
N GLU A 115 17.37 10.84 -2.52
CA GLU A 115 17.50 9.41 -2.65
C GLU A 115 17.61 8.77 -1.26
N ALA A 116 18.28 9.47 -0.33
CA ALA A 116 18.48 8.99 1.03
C ALA A 116 17.18 8.96 1.84
N ASN A 117 16.18 9.74 1.42
CA ASN A 117 14.95 9.90 2.17
C ASN A 117 13.76 9.24 1.44
N ALA A 118 14.06 8.50 0.37
CA ALA A 118 13.04 7.95 -0.50
C ALA A 118 12.25 6.83 0.18
N TRP A 119 12.84 6.19 1.21
CA TRP A 119 12.09 5.27 2.06
C TRP A 119 10.86 5.95 2.66
N ALA A 120 10.92 7.27 2.83
CA ALA A 120 9.89 7.99 3.54
C ALA A 120 9.06 8.84 2.56
N SER A 121 8.98 8.46 1.31
CA SER A 121 8.39 9.28 0.27
C SER A 121 6.87 9.12 0.12
N THR A 122 6.29 7.99 0.56
CA THR A 122 4.99 7.62 0.07
C THR A 122 4.02 7.30 1.22
N LEU A 123 2.94 8.07 1.31
CA LEU A 123 1.80 7.78 2.20
C LEU A 123 0.80 6.89 1.47
N VAL A 124 0.10 6.05 2.21
CA VAL A 124 -0.98 5.25 1.69
C VAL A 124 -2.24 5.50 2.52
N GLY A 125 -3.40 5.53 1.89
CA GLY A 125 -4.64 5.65 2.60
C GLY A 125 -5.80 5.14 1.78
N HIS A 126 -7.00 5.38 2.29
CA HIS A 126 -8.20 4.94 1.61
C HIS A 126 -9.23 6.06 1.67
N ASP A 127 -9.89 6.31 0.56
CA ASP A 127 -10.93 7.34 0.42
C ASP A 127 -12.14 6.68 -0.19
N THR A 128 -13.31 6.83 0.45
CA THR A 128 -14.59 6.44 -0.13
C THR A 128 -15.34 7.72 -0.54
N PHE A 129 -15.69 7.80 -1.82
CA PHE A 129 -16.42 8.94 -2.38
C PHE A 129 -17.89 8.59 -2.56
N THR A 130 -18.78 9.50 -2.13
CA THR A 130 -20.22 9.29 -2.30
C THR A 130 -20.78 10.49 -3.07
N LYS A 131 -22.07 10.37 -3.45
CA LYS A 131 -22.78 11.42 -4.18
C LYS A 131 -23.26 12.51 -3.22
N VAL A 132 -23.50 12.18 -1.95
CA VAL A 132 -24.17 13.08 -1.02
C VAL A 132 -23.16 13.85 -0.17
N LYS A 133 -23.36 15.19 -0.11
CA LYS A 133 -22.83 16.13 0.88
C LYS A 133 -22.08 17.24 0.13
N ASP B 12 11.56 19.08 -16.27
CA ASP B 12 11.92 17.66 -16.51
C ASP B 12 11.16 17.10 -17.70
N GLU B 13 10.60 18.00 -18.52
CA GLU B 13 9.77 17.62 -19.65
C GLU B 13 10.57 16.71 -20.58
N ALA B 14 11.80 17.14 -20.93
CA ALA B 14 12.71 16.38 -21.77
C ALA B 14 13.22 15.12 -21.06
N GLY B 15 13.45 15.21 -19.74
CA GLY B 15 13.91 14.09 -18.94
C GLY B 15 12.88 12.94 -18.86
N ILE B 16 11.61 13.26 -18.62
CA ILE B 16 10.60 12.23 -18.44
C ILE B 16 10.19 11.63 -19.79
N THR B 17 10.14 12.43 -20.86
CA THR B 17 9.74 11.98 -22.18
C THR B 17 10.69 10.88 -22.65
N GLY B 18 10.15 9.77 -23.20
CA GLY B 18 10.98 8.63 -23.56
C GLY B 18 10.32 7.26 -23.38
N THR B 19 11.15 6.24 -23.60
CA THR B 19 10.82 4.84 -23.42
C THR B 19 11.53 4.34 -22.19
N TRP B 20 10.73 3.83 -21.24
CA TRP B 20 11.22 3.29 -20.00
C TRP B 20 10.82 1.83 -19.85
N TYR B 21 11.67 1.06 -19.16
CA TYR B 21 11.44 -0.33 -18.84
C TYR B 21 11.53 -0.54 -17.34
N ASN B 22 10.68 -1.42 -16.79
CA ASN B 22 10.82 -1.80 -15.40
C ASN B 22 11.51 -3.17 -15.29
N GLN B 23 11.63 -3.62 -14.04
CA GLN B 23 12.33 -4.83 -13.66
C GLN B 23 11.63 -6.08 -14.19
N LEU B 24 10.39 -5.96 -14.67
CA LEU B 24 9.61 -7.08 -15.19
C LEU B 24 9.81 -7.14 -16.70
N GLY B 25 10.40 -6.09 -17.28
CA GLY B 25 10.48 -6.03 -18.72
C GLY B 25 9.29 -5.33 -19.37
N SER B 26 8.45 -4.63 -18.58
CA SER B 26 7.36 -3.85 -19.14
C SER B 26 7.94 -2.59 -19.76
N THR B 27 7.19 -2.04 -20.72
CA THR B 27 7.54 -0.86 -21.50
C THR B 27 6.55 0.28 -21.28
N PHE B 28 7.08 1.44 -20.87
CA PHE B 28 6.35 2.65 -20.56
C PHE B 28 6.80 3.75 -21.52
N ILE B 29 5.96 4.06 -22.51
CA ILE B 29 6.29 5.12 -23.46
C ILE B 29 5.46 6.35 -23.10
N VAL B 30 6.14 7.45 -22.82
CA VAL B 30 5.47 8.59 -22.23
C VAL B 30 6.02 9.89 -22.83
N THR B 31 5.10 10.84 -22.94
CA THR B 31 5.39 12.21 -23.32
C THR B 31 4.92 13.09 -22.18
N ALA B 32 5.84 13.92 -21.67
CA ALA B 32 5.52 14.91 -20.65
C ALA B 32 5.21 16.26 -21.31
N GLY B 33 4.04 16.83 -20.98
CA GLY B 33 3.60 18.13 -21.44
C GLY B 33 4.04 19.23 -20.48
N ALA B 34 4.13 20.46 -21.00
CA ALA B 34 4.62 21.58 -20.21
C ALA B 34 3.62 21.92 -19.09
N ASP B 35 2.35 21.59 -19.31
CA ASP B 35 1.27 21.79 -18.36
C ASP B 35 1.32 20.82 -17.16
N GLY B 36 2.25 19.86 -17.15
CA GLY B 36 2.24 18.79 -16.15
C GLY B 36 1.56 17.50 -16.61
N ALA B 37 1.18 17.40 -17.88
CA ALA B 37 0.47 16.22 -18.38
C ALA B 37 1.46 15.09 -18.71
N LEU B 38 1.03 13.85 -18.46
CA LEU B 38 1.69 12.66 -19.00
C LEU B 38 0.66 11.94 -19.84
N THR B 39 1.10 11.52 -21.04
N THR B 39 1.06 11.57 -21.06
CA THR B 39 0.26 10.74 -21.93
CA THR B 39 0.23 10.74 -21.93
C THR B 39 1.16 9.70 -22.57
C THR B 39 1.16 9.70 -22.55
N GLY B 40 0.60 8.53 -22.91
CA GLY B 40 1.41 7.50 -23.52
C GLY B 40 0.73 6.15 -23.59
N THR B 41 1.60 5.13 -23.66
CA THR B 41 1.17 3.74 -23.75
C THR B 41 2.04 2.90 -22.83
N TYR B 42 1.44 1.79 -22.37
CA TYR B 42 2.09 0.88 -21.47
C TYR B 42 1.87 -0.51 -22.04
N GLU B 43 2.92 -1.32 -22.00
CA GLU B 43 2.86 -2.73 -22.38
C GLU B 43 3.40 -3.51 -21.21
N SER B 44 2.54 -4.36 -20.62
CA SER B 44 3.00 -5.16 -19.49
C SER B 44 3.57 -6.50 -19.99
N ALA B 45 4.72 -6.88 -19.44
CA ALA B 45 5.34 -8.18 -19.69
C ALA B 45 4.69 -9.30 -18.87
N VAL B 46 3.86 -8.96 -17.86
CA VAL B 46 3.25 -9.93 -16.98
C VAL B 46 1.77 -9.62 -16.81
N GLY B 47 1.07 -10.54 -16.18
CA GLY B 47 -0.31 -10.28 -15.79
C GLY B 47 -1.25 -10.48 -16.95
N ASN B 48 -0.79 -11.18 -18.00
CA ASN B 48 -1.72 -11.54 -19.06
C ASN B 48 -2.25 -10.32 -19.80
N ALA B 49 -1.43 -9.28 -19.95
CA ALA B 49 -1.89 -8.14 -20.72
C ALA B 49 -1.44 -8.35 -22.17
N GLU B 50 -2.12 -7.73 -23.13
CA GLU B 50 -1.81 -7.93 -24.55
C GLU B 50 -1.72 -6.57 -25.25
N SER B 51 -0.55 -6.32 -25.83
CA SER B 51 -0.32 -5.12 -26.61
C SER B 51 -0.34 -3.90 -25.67
N ARG B 52 -0.63 -2.74 -26.25
CA ARG B 52 -0.41 -1.46 -25.61
C ARG B 52 -1.73 -0.97 -25.06
N TYR B 53 -1.64 -0.32 -23.89
CA TYR B 53 -2.80 0.31 -23.29
C TYR B 53 -2.51 1.80 -23.13
N VAL B 54 -3.55 2.63 -23.23
CA VAL B 54 -3.41 4.07 -23.01
C VAL B 54 -3.11 4.35 -21.54
N LEU B 55 -2.24 5.33 -21.30
CA LEU B 55 -2.02 5.87 -19.96
C LEU B 55 -2.15 7.37 -19.98
N THR B 56 -2.55 7.91 -18.82
CA THR B 56 -2.56 9.34 -18.62
C THR B 56 -2.13 9.57 -17.19
N GLY B 57 -1.45 10.70 -16.96
CA GLY B 57 -1.08 11.07 -15.61
C GLY B 57 -0.66 12.52 -15.53
N ARG B 58 0.00 12.83 -14.40
CA ARG B 58 0.46 14.17 -14.05
C ARG B 58 1.82 14.10 -13.37
N TYR B 59 2.61 15.17 -13.56
CA TYR B 59 3.87 15.30 -12.85
C TYR B 59 4.00 16.77 -12.43
N ASP B 60 4.91 16.99 -11.47
CA ASP B 60 5.22 18.32 -10.94
C ASP B 60 6.14 18.98 -11.97
N SER B 61 5.59 19.96 -12.69
CA SER B 61 6.28 20.62 -13.81
C SER B 61 7.22 21.73 -13.33
N ALA B 62 7.21 22.02 -12.01
CA ALA B 62 8.15 22.97 -11.42
C ALA B 62 8.73 22.38 -10.14
N PRO B 63 9.59 21.34 -10.20
CA PRO B 63 10.06 20.65 -9.00
C PRO B 63 11.09 21.45 -8.21
N ALA B 64 11.45 20.95 -7.02
CA ALA B 64 12.45 21.60 -6.20
C ALA B 64 13.81 21.46 -6.86
N THR B 65 14.72 22.36 -6.48
CA THR B 65 16.05 22.40 -7.05
C THR B 65 17.10 21.80 -6.09
N ASP B 66 16.66 21.20 -4.96
CA ASP B 66 17.57 20.71 -3.93
C ASP B 66 18.08 19.28 -4.14
N GLY B 67 17.86 18.67 -5.30
CA GLY B 67 18.24 17.26 -5.49
C GLY B 67 17.09 16.28 -5.20
N SER B 68 15.96 16.82 -4.74
CA SER B 68 14.69 16.12 -4.57
C SER B 68 14.23 15.57 -5.91
N GLY B 69 13.51 14.43 -5.89
CA GLY B 69 12.90 13.94 -7.11
C GLY B 69 11.69 14.76 -7.56
N THR B 70 11.21 14.44 -8.77
CA THR B 70 10.03 15.03 -9.37
C THR B 70 8.85 14.07 -9.18
N ALA B 71 7.88 14.48 -8.38
CA ALA B 71 6.70 13.64 -8.12
C ALA B 71 5.82 13.48 -9.37
N LEU B 72 5.32 12.24 -9.56
CA LEU B 72 4.41 12.02 -10.68
C LEU B 72 3.56 10.78 -10.39
N GLY B 73 2.54 10.60 -11.23
CA GLY B 73 1.68 9.43 -11.20
C GLY B 73 0.99 9.25 -12.53
N TRP B 74 0.58 7.99 -12.82
CA TRP B 74 -0.23 7.75 -13.99
C TRP B 74 -1.10 6.54 -13.77
N THR B 75 -2.07 6.40 -14.66
CA THR B 75 -3.08 5.35 -14.61
C THR B 75 -3.15 4.62 -15.95
N VAL B 76 -3.27 3.29 -15.86
CA VAL B 76 -3.67 2.44 -16.97
C VAL B 76 -4.95 1.72 -16.56
N ALA B 77 -6.03 1.82 -17.37
CA ALA B 77 -7.13 0.86 -17.31
C ALA B 77 -6.89 -0.23 -18.34
N TRP B 78 -6.97 -1.48 -17.92
CA TRP B 78 -6.43 -2.62 -18.65
C TRP B 78 -7.47 -3.11 -19.67
N LYS B 79 -8.00 -2.16 -20.42
CA LYS B 79 -8.88 -2.40 -21.54
C LYS B 79 -8.27 -1.76 -22.77
N ASN B 80 -8.17 -2.57 -23.84
CA ASN B 80 -7.82 -2.07 -25.17
C ASN B 80 -8.67 -2.85 -26.18
N ASN B 81 -8.28 -2.86 -27.46
CA ASN B 81 -9.07 -3.53 -28.48
C ASN B 81 -8.96 -5.05 -28.38
N TYR B 82 -7.93 -5.55 -27.69
CA TYR B 82 -7.64 -6.97 -27.64
C TYR B 82 -8.17 -7.67 -26.40
N ARG B 83 -8.23 -6.96 -25.26
CA ARG B 83 -8.37 -7.64 -23.98
C ARG B 83 -8.94 -6.63 -22.98
N ASN B 84 -9.65 -7.15 -21.97
CA ASN B 84 -10.18 -6.30 -20.90
C ASN B 84 -10.12 -7.07 -19.60
N ALA B 85 -9.18 -6.67 -18.71
CA ALA B 85 -9.01 -7.32 -17.42
C ALA B 85 -9.94 -6.77 -16.34
N HIS B 86 -10.78 -5.78 -16.65
CA HIS B 86 -11.67 -5.14 -15.67
C HIS B 86 -10.87 -4.73 -14.44
N SER B 87 -9.80 -4.00 -14.70
CA SER B 87 -8.88 -3.57 -13.67
C SER B 87 -8.18 -2.28 -14.12
N ALA B 88 -7.61 -1.59 -13.14
CA ALA B 88 -6.80 -0.40 -13.38
C ALA B 88 -5.60 -0.39 -12.42
N THR B 89 -4.46 0.05 -12.95
CA THR B 89 -3.28 0.27 -12.14
C THR B 89 -2.97 1.75 -12.09
N THR B 90 -2.63 2.22 -10.88
CA THR B 90 -1.98 3.52 -10.76
C THR B 90 -0.58 3.35 -10.18
N TRP B 91 0.33 4.11 -10.78
CA TRP B 91 1.69 4.25 -10.31
C TRP B 91 1.89 5.62 -9.73
N SER B 92 2.45 5.66 -8.52
CA SER B 92 2.80 6.89 -7.85
C SER B 92 4.28 6.82 -7.47
N GLY B 93 5.02 7.88 -7.79
CA GLY B 93 6.44 7.81 -7.55
C GLY B 93 7.15 9.14 -7.85
N GLN B 94 8.43 9.01 -8.14
CA GLN B 94 9.24 10.17 -8.47
C GLN B 94 10.33 9.81 -9.47
N TYR B 95 10.56 10.78 -10.36
CA TYR B 95 11.64 10.77 -11.34
C TYR B 95 12.86 11.38 -10.66
N VAL B 96 13.98 10.66 -10.78
CA VAL B 96 15.28 11.14 -10.36
C VAL B 96 16.10 11.40 -11.62
N GLY B 97 16.79 12.56 -11.68
CA GLY B 97 17.48 13.00 -12.88
C GLY B 97 18.96 12.60 -12.88
N GLY B 98 19.76 13.36 -13.63
CA GLY B 98 21.21 13.24 -13.58
C GLY B 98 21.69 11.88 -14.11
N ALA B 99 22.78 11.38 -13.51
CA ALA B 99 23.52 10.24 -14.04
C ALA B 99 22.58 9.03 -14.17
N GLU B 100 22.10 8.49 -13.04
CA GLU B 100 21.20 7.34 -13.06
C GLU B 100 19.76 7.82 -13.05
N ALA B 101 19.21 8.10 -14.24
CA ALA B 101 17.84 8.57 -14.36
C ALA B 101 16.90 7.39 -14.17
N ARG B 102 16.05 7.45 -13.14
CA ARG B 102 15.13 6.37 -12.85
C ARG B 102 13.81 6.95 -12.37
N ILE B 103 12.73 6.18 -12.56
CA ILE B 103 11.44 6.54 -11.95
C ILE B 103 11.13 5.43 -10.95
N ASN B 104 11.12 5.78 -9.66
CA ASN B 104 10.87 4.83 -8.59
C ASN B 104 9.38 4.95 -8.23
N THR B 105 8.64 3.85 -8.30
CA THR B 105 7.18 3.90 -8.11
C THR B 105 6.75 2.81 -7.14
N GLN B 106 5.61 3.07 -6.52
CA GLN B 106 4.73 2.04 -6.00
C GLN B 106 3.42 2.09 -6.76
N TRP B 107 2.70 0.97 -6.82
CA TRP B 107 1.50 0.92 -7.60
C TRP B 107 0.39 0.16 -6.89
N LEU B 108 -0.84 0.48 -7.28
CA LEU B 108 -2.07 -0.13 -6.81
C LEU B 108 -2.84 -0.62 -8.02
N LEU B 109 -3.09 -1.93 -8.05
CA LEU B 109 -3.86 -2.53 -9.13
C LEU B 109 -5.20 -2.97 -8.56
N THR B 110 -6.28 -2.29 -8.96
CA THR B 110 -7.62 -2.63 -8.46
C THR B 110 -8.40 -3.35 -9.56
N ALA B 111 -8.97 -4.49 -9.19
CA ALA B 111 -9.87 -5.21 -10.06
C ALA B 111 -11.31 -4.98 -9.63
N GLY B 112 -12.21 -4.87 -10.61
CA GLY B 112 -13.64 -4.84 -10.33
C GLY B 112 -14.07 -6.09 -9.60
N THR B 113 -14.72 -5.94 -8.45
CA THR B 113 -15.20 -7.08 -7.66
C THR B 113 -16.65 -6.79 -7.25
N THR B 114 -17.36 -7.85 -6.81
CA THR B 114 -18.58 -7.66 -6.08
C THR B 114 -18.22 -7.01 -4.75
N GLU B 115 -19.22 -6.46 -4.07
CA GLU B 115 -19.03 -5.84 -2.78
C GLU B 115 -18.54 -6.89 -1.77
N ALA B 116 -18.97 -8.15 -1.89
CA ALA B 116 -18.59 -9.13 -0.89
C ALA B 116 -17.08 -9.41 -0.98
N ASN B 117 -16.50 -9.13 -2.14
CA ASN B 117 -15.14 -9.53 -2.44
C ASN B 117 -14.21 -8.31 -2.51
N ALA B 118 -14.71 -7.13 -2.12
CA ALA B 118 -13.98 -5.88 -2.29
C ALA B 118 -12.72 -5.87 -1.43
N TRP B 119 -12.73 -6.65 -0.34
CA TRP B 119 -11.53 -6.77 0.48
C TRP B 119 -10.36 -7.29 -0.35
N ALA B 120 -10.64 -8.05 -1.42
CA ALA B 120 -9.62 -8.75 -2.20
C ALA B 120 -9.43 -8.07 -3.56
N SER B 121 -9.74 -6.78 -3.65
CA SER B 121 -9.79 -6.09 -4.93
C SER B 121 -8.41 -5.61 -5.40
N THR B 122 -7.48 -5.36 -4.46
CA THR B 122 -6.35 -4.45 -4.73
C THR B 122 -5.00 -5.08 -4.40
N LEU B 123 -4.15 -5.21 -5.44
CA LEU B 123 -2.75 -5.59 -5.28
C LEU B 123 -1.87 -4.33 -5.16
N VAL B 124 -0.78 -4.46 -4.43
CA VAL B 124 0.22 -3.43 -4.25
C VAL B 124 1.59 -3.99 -4.62
N GLY B 125 2.41 -3.14 -5.22
CA GLY B 125 3.74 -3.52 -5.57
C GLY B 125 4.61 -2.31 -5.85
N HIS B 126 5.83 -2.58 -6.29
CA HIS B 126 6.77 -1.51 -6.59
C HIS B 126 7.45 -1.82 -7.92
N ASP B 127 7.54 -0.80 -8.76
CA ASP B 127 8.23 -0.83 -10.05
C ASP B 127 9.29 0.28 -10.08
N THR B 128 10.49 -0.09 -10.57
CA THR B 128 11.54 0.88 -10.88
C THR B 128 11.76 0.86 -12.38
N PHE B 129 11.67 2.05 -13.00
CA PHE B 129 11.78 2.22 -14.43
C PHE B 129 13.12 2.88 -14.74
N THR B 130 13.82 2.35 -15.75
CA THR B 130 15.01 2.99 -16.30
C THR B 130 14.93 2.97 -17.83
N LYS B 131 15.80 3.77 -18.46
CA LYS B 131 15.86 3.90 -19.90
C LYS B 131 16.63 2.73 -20.53
N VAL B 132 17.24 1.89 -19.69
CA VAL B 132 17.92 0.66 -20.09
C VAL B 132 16.99 -0.57 -19.95
N LYS B 133 16.92 -1.42 -20.98
CA LYS B 133 16.05 -2.59 -20.97
C LYS B 133 16.76 -3.78 -20.32
N PRO B 134 16.20 -4.39 -19.24
CA PRO B 134 16.90 -5.43 -18.48
C PRO B 134 16.77 -6.86 -19.04
N ASP C 12 11.80 -21.64 5.64
CA ASP C 12 12.28 -22.75 6.51
C ASP C 12 12.81 -22.20 7.82
N GLU C 13 12.72 -23.00 8.89
CA GLU C 13 13.07 -22.53 10.22
C GLU C 13 14.51 -22.03 10.25
N ALA C 14 15.45 -22.83 9.74
CA ALA C 14 16.88 -22.47 9.77
C ALA C 14 17.25 -21.72 8.51
N GLY C 15 16.32 -21.66 7.55
CA GLY C 15 16.43 -20.76 6.42
C GLY C 15 16.21 -19.30 6.84
N ILE C 16 15.17 -19.05 7.68
CA ILE C 16 14.83 -17.68 8.11
C ILE C 16 15.72 -17.24 9.27
N THR C 17 15.99 -18.13 10.23
CA THR C 17 16.71 -17.76 11.44
C THR C 17 18.05 -17.14 11.06
N GLY C 18 18.35 -15.99 11.64
CA GLY C 18 19.64 -15.38 11.44
C GLY C 18 19.56 -13.87 11.23
N THR C 19 20.63 -13.34 10.64
CA THR C 19 20.83 -11.91 10.45
C THR C 19 20.62 -11.55 8.98
N TRP C 20 19.81 -10.48 8.79
CA TRP C 20 19.40 -9.99 7.48
C TRP C 20 19.62 -8.47 7.43
N TYR C 21 19.99 -8.00 6.24
CA TYR C 21 20.27 -6.61 5.97
C TYR C 21 19.38 -6.15 4.83
N ASN C 22 18.81 -4.95 4.93
CA ASN C 22 18.07 -4.43 3.79
C ASN C 22 18.92 -3.40 3.06
N GLN C 23 18.29 -2.79 2.04
CA GLN C 23 18.92 -1.89 1.10
C GLN C 23 19.30 -0.57 1.77
N LEU C 24 18.76 -0.30 2.97
CA LEU C 24 19.05 0.93 3.71
C LEU C 24 20.23 0.72 4.66
N GLY C 25 20.61 -0.53 4.91
CA GLY C 25 21.62 -0.82 5.90
C GLY C 25 21.04 -1.20 7.24
N SER C 26 19.71 -1.39 7.32
CA SER C 26 19.07 -1.83 8.54
C SER C 26 19.33 -3.31 8.74
N THR C 27 19.32 -3.74 10.02
CA THR C 27 19.66 -5.09 10.43
C THR C 27 18.52 -5.75 11.21
N PHE C 28 18.13 -6.93 10.75
CA PHE C 28 17.00 -7.70 11.24
C PHE C 28 17.62 -9.01 11.78
N ILE C 29 17.55 -9.25 13.08
CA ILE C 29 17.99 -10.50 13.64
C ILE C 29 16.77 -11.26 14.16
N VAL C 30 16.56 -12.45 13.64
CA VAL C 30 15.31 -13.17 13.85
C VAL C 30 15.59 -14.63 14.17
N THR C 31 14.75 -15.15 15.07
CA THR C 31 14.64 -16.58 15.33
C THR C 31 13.26 -17.06 14.94
N ALA C 32 13.20 -18.08 14.07
CA ALA C 32 11.94 -18.73 13.73
C ALA C 32 11.71 -19.98 14.57
N GLY C 33 10.55 -20.04 15.24
CA GLY C 33 10.12 -21.20 16.01
C GLY C 33 9.44 -22.26 15.15
N ALA C 34 9.42 -23.49 15.68
CA ALA C 34 8.82 -24.61 14.97
C ALA C 34 7.32 -24.40 14.78
N ASP C 35 6.71 -23.64 15.69
CA ASP C 35 5.29 -23.34 15.65
C ASP C 35 4.89 -22.35 14.54
N GLY C 36 5.86 -21.64 13.95
CA GLY C 36 5.56 -20.50 13.10
C GLY C 36 5.80 -19.12 13.75
N ALA C 37 6.35 -19.06 14.97
CA ALA C 37 6.70 -17.80 15.61
C ALA C 37 7.97 -17.22 15.00
N LEU C 38 7.99 -15.88 14.92
CA LEU C 38 9.21 -15.13 14.66
C LEU C 38 9.42 -14.20 15.85
N THR C 39 10.66 -14.15 16.38
CA THR C 39 10.98 -13.25 17.46
C THR C 39 12.36 -12.69 17.20
N GLY C 40 12.63 -11.45 17.62
CA GLY C 40 13.91 -10.91 17.27
C GLY C 40 14.07 -9.44 17.62
N THR C 41 15.09 -8.84 16.99
CA THR C 41 15.38 -7.44 17.11
C THR C 41 15.62 -6.83 15.74
N TYR C 42 15.31 -5.53 15.67
CA TYR C 42 15.48 -4.75 14.47
C TYR C 42 16.22 -3.48 14.84
N GLU C 43 17.14 -3.09 13.96
CA GLU C 43 17.87 -1.85 14.07
C GLU C 43 17.80 -1.12 12.75
N SER C 44 17.11 0.04 12.74
CA SER C 44 16.93 0.80 11.53
C SER C 44 18.12 1.72 11.27
N ALA C 45 18.53 1.76 10.02
CA ALA C 45 19.57 2.70 9.61
C ALA C 45 19.02 4.11 9.43
N VAL C 46 17.68 4.25 9.38
CA VAL C 46 17.07 5.54 9.05
C VAL C 46 15.94 5.84 10.06
N GLY C 47 15.49 7.09 10.08
CA GLY C 47 14.29 7.47 10.79
C GLY C 47 14.53 7.76 12.26
N ASN C 48 13.44 7.89 12.99
CA ASN C 48 13.44 8.25 14.39
C ASN C 48 13.64 6.99 15.22
N ALA C 49 14.89 6.51 15.24
CA ALA C 49 15.24 5.17 15.71
C ALA C 49 16.70 5.12 16.18
N GLU C 50 16.92 4.39 17.26
CA GLU C 50 18.25 4.19 17.80
C GLU C 50 18.29 2.84 18.51
N SER C 51 19.34 2.08 18.20
CA SER C 51 19.62 0.82 18.86
C SER C 51 18.56 -0.20 18.38
N ARG C 52 18.31 -1.22 19.22
CA ARG C 52 17.55 -2.39 18.82
C ARG C 52 16.13 -2.27 19.36
N TYR C 53 15.17 -2.77 18.56
CA TYR C 53 13.76 -2.79 18.94
C TYR C 53 13.27 -4.24 18.87
N VAL C 54 12.37 -4.59 19.78
CA VAL C 54 11.78 -5.92 19.75
C VAL C 54 10.92 -6.09 18.50
N LEU C 55 11.02 -7.25 17.86
CA LEU C 55 10.06 -7.65 16.85
C LEU C 55 9.44 -8.99 17.19
N THR C 56 8.23 -9.15 16.66
CA THR C 56 7.50 -10.41 16.75
C THR C 56 6.70 -10.59 15.46
N GLY C 57 6.57 -11.84 15.00
CA GLY C 57 5.80 -12.10 13.82
C GLY C 57 5.50 -13.58 13.67
N ARG C 58 5.06 -13.93 12.46
CA ARG C 58 4.66 -15.28 12.13
C ARG C 58 5.11 -15.61 10.72
N TYR C 59 5.30 -16.91 10.47
CA TYR C 59 5.64 -17.38 9.15
C TYR C 59 4.91 -18.71 8.91
N ASP C 60 4.77 -19.03 7.63
CA ASP C 60 4.22 -20.32 7.20
C ASP C 60 5.25 -21.44 7.45
N SER C 61 5.00 -22.22 8.51
CA SER C 61 5.94 -23.24 8.96
C SER C 61 5.79 -24.55 8.18
N ALA C 62 4.86 -24.64 7.24
CA ALA C 62 4.81 -25.78 6.34
C ALA C 62 4.57 -25.26 4.92
N PRO C 63 5.54 -24.57 4.29
CA PRO C 63 5.34 -24.03 2.95
C PRO C 63 5.25 -25.09 1.84
N ALA C 64 4.75 -24.67 0.68
CA ALA C 64 4.76 -25.51 -0.51
C ALA C 64 6.20 -25.72 -0.95
N THR C 65 6.43 -26.81 -1.68
CA THR C 65 7.78 -27.18 -2.06
C THR C 65 7.88 -27.15 -3.58
N ASP C 66 7.12 -26.23 -4.18
CA ASP C 66 7.02 -26.05 -5.62
C ASP C 66 7.89 -24.87 -6.09
N GLY C 67 8.76 -24.37 -5.21
CA GLY C 67 9.61 -23.25 -5.56
C GLY C 67 8.97 -21.89 -5.26
N SER C 68 7.75 -21.91 -4.69
CA SER C 68 7.10 -20.74 -4.08
C SER C 68 7.85 -20.33 -2.83
N GLY C 69 7.77 -19.04 -2.54
CA GLY C 69 8.33 -18.54 -1.31
C GLY C 69 7.51 -18.88 -0.07
N THR C 70 8.13 -18.61 1.07
CA THR C 70 7.54 -18.82 2.35
C THR C 70 6.98 -17.49 2.86
N ALA C 71 5.66 -17.43 3.03
CA ALA C 71 5.00 -16.20 3.50
C ALA C 71 5.33 -15.92 4.95
N LEU C 72 5.50 -14.62 5.27
CA LEU C 72 5.79 -14.23 6.62
C LEU C 72 5.44 -12.75 6.82
N GLY C 73 5.38 -12.36 8.10
CA GLY C 73 5.24 -10.96 8.45
C GLY C 73 5.73 -10.73 9.88
N TRP C 74 6.11 -9.49 10.15
CA TRP C 74 6.46 -9.11 11.51
C TRP C 74 6.18 -7.62 11.74
N THR C 75 6.17 -7.31 13.03
CA THR C 75 5.95 -5.98 13.55
C THR C 75 7.07 -5.52 14.47
N VAL C 76 7.38 -4.23 14.34
CA VAL C 76 8.18 -3.45 15.25
C VAL C 76 7.35 -2.26 15.70
N ALA C 77 7.14 -2.12 17.02
CA ALA C 77 6.75 -0.85 17.63
C ALA C 77 8.01 -0.08 18.03
N TRP C 78 8.09 1.18 17.64
CA TRP C 78 9.33 1.96 17.65
C TRP C 78 9.54 2.61 19.01
N LYS C 79 9.41 1.79 20.05
CA LYS C 79 9.63 2.13 21.44
C LYS C 79 10.66 1.17 22.01
N ASN C 80 11.74 1.72 22.58
CA ASN C 80 12.68 0.91 23.35
C ASN C 80 13.14 1.77 24.52
N ASN C 81 14.27 1.42 25.16
CA ASN C 81 14.73 2.19 26.32
C ASN C 81 15.45 3.49 25.95
N TYR C 82 15.60 3.79 24.66
CA TYR C 82 16.17 5.04 24.24
C TYR C 82 15.13 6.02 23.76
N ARG C 83 14.22 5.55 22.88
CA ARG C 83 13.43 6.45 22.06
C ARG C 83 12.01 5.87 21.96
N ASN C 84 11.07 6.74 21.66
CA ASN C 84 9.71 6.33 21.34
C ASN C 84 9.22 7.25 20.24
N ALA C 85 9.08 6.70 19.03
CA ALA C 85 8.62 7.42 17.87
C ALA C 85 7.10 7.35 17.72
N HIS C 86 6.40 6.69 18.63
CA HIS C 86 4.94 6.61 18.60
C HIS C 86 4.45 6.11 17.24
N SER C 87 5.03 4.98 16.83
CA SER C 87 4.79 4.42 15.53
C SER C 87 5.10 2.94 15.55
N ALA C 88 4.63 2.26 14.50
CA ALA C 88 4.78 0.83 14.35
C ALA C 88 4.87 0.52 12.88
N THR C 89 5.79 -0.40 12.56
CA THR C 89 5.94 -0.85 11.19
C THR C 89 5.62 -2.33 11.12
N THR C 90 4.87 -2.72 10.09
CA THR C 90 4.70 -4.13 9.79
C THR C 90 5.27 -4.36 8.41
N TRP C 91 6.07 -5.44 8.32
CA TRP C 91 6.55 -5.99 7.08
C TRP C 91 5.78 -7.26 6.71
N SER C 92 5.30 -7.29 5.46
CA SER C 92 4.63 -8.45 4.93
C SER C 92 5.40 -8.93 3.69
N GLY C 93 5.69 -10.21 3.56
CA GLY C 93 6.43 -10.64 2.40
C GLY C 93 6.69 -12.16 2.38
N GLN C 94 7.76 -12.51 1.68
CA GLN C 94 8.10 -13.92 1.54
C GLN C 94 9.61 -14.10 1.53
N TYR C 95 10.02 -15.24 2.11
CA TYR C 95 11.40 -15.72 2.09
C TYR C 95 11.53 -16.60 0.85
N VAL C 96 12.51 -16.24 0.04
CA VAL C 96 12.92 -17.02 -1.13
C VAL C 96 14.29 -17.63 -0.83
N GLY C 97 14.43 -18.96 -1.04
CA GLY C 97 15.58 -19.71 -0.56
C GLY C 97 16.62 -19.97 -1.64
N GLY C 98 17.49 -20.96 -1.38
CA GLY C 98 18.53 -21.36 -2.32
C GLY C 98 19.59 -20.27 -2.49
N ALA C 99 20.24 -20.24 -3.65
CA ALA C 99 21.23 -19.23 -3.96
C ALA C 99 20.59 -17.85 -3.92
N GLU C 100 21.34 -16.86 -3.42
CA GLU C 100 20.84 -15.51 -3.27
C GLU C 100 19.48 -15.57 -2.57
N ALA C 101 19.48 -16.17 -1.36
CA ALA C 101 18.36 -16.15 -0.43
C ALA C 101 17.98 -14.70 -0.12
N ARG C 102 16.67 -14.43 -0.13
CA ARG C 102 16.21 -13.08 0.20
C ARG C 102 14.83 -13.14 0.85
N ILE C 103 14.51 -12.05 1.57
CA ILE C 103 13.17 -11.80 2.06
C ILE C 103 12.69 -10.52 1.39
N ASN C 104 11.70 -10.67 0.51
CA ASN C 104 11.16 -9.55 -0.22
C ASN C 104 9.92 -9.09 0.53
N THR C 105 9.88 -7.81 0.88
CA THR C 105 8.79 -7.30 1.71
C THR C 105 8.23 -6.00 1.15
N GLN C 106 6.97 -5.79 1.56
CA GLN C 106 6.39 -4.45 1.59
C GLN C 106 6.03 -4.15 3.03
N TRP C 107 6.01 -2.88 3.40
CA TRP C 107 5.79 -2.50 4.76
C TRP C 107 4.80 -1.31 4.86
N LEU C 108 4.13 -1.24 6.01
CA LEU C 108 3.26 -0.16 6.45
C LEU C 108 3.75 0.34 7.80
N LEU C 109 4.04 1.64 7.84
CA LEU C 109 4.49 2.32 9.05
C LEU C 109 3.40 3.30 9.45
N THR C 110 2.78 3.06 10.60
CA THR C 110 1.69 3.89 11.06
C THR C 110 2.19 4.70 12.25
N ALA C 111 1.99 6.02 12.17
CA ALA C 111 2.25 6.93 13.29
C ALA C 111 0.96 7.23 14.04
N GLY C 112 1.05 7.32 15.37
CA GLY C 112 -0.14 7.75 16.11
C GLY C 112 -0.50 9.18 15.71
N THR C 113 -1.76 9.44 15.34
CA THR C 113 -2.17 10.77 14.96
C THR C 113 -3.48 11.09 15.67
N THR C 114 -3.89 12.38 15.67
CA THR C 114 -5.26 12.72 16.00
C THR C 114 -6.11 12.23 14.83
N GLU C 115 -7.42 12.06 15.08
CA GLU C 115 -8.30 11.53 14.05
C GLU C 115 -8.40 12.52 12.89
N ALA C 116 -8.26 13.82 13.16
CA ALA C 116 -8.28 14.83 12.12
C ALA C 116 -7.13 14.59 11.13
N ASN C 117 -6.02 13.97 11.58
CA ASN C 117 -4.86 13.80 10.71
C ASN C 117 -4.67 12.34 10.31
N ALA C 118 -5.63 11.46 10.60
CA ALA C 118 -5.43 10.03 10.40
C ALA C 118 -5.21 9.68 8.93
N TRP C 119 -5.70 10.53 7.98
CA TRP C 119 -5.42 10.37 6.56
C TRP C 119 -3.92 10.33 6.28
N ALA C 120 -3.16 10.95 7.16
CA ALA C 120 -1.73 11.07 6.94
C ALA C 120 -0.94 10.17 7.90
N SER C 121 -1.54 9.08 8.37
CA SER C 121 -0.90 8.30 9.43
C SER C 121 0.13 7.29 8.91
N THR C 122 0.04 6.87 7.63
CA THR C 122 0.68 5.61 7.23
C THR C 122 1.53 5.79 5.98
N LEU C 123 2.84 5.51 6.12
CA LEU C 123 3.76 5.38 5.03
C LEU C 123 3.77 3.95 4.51
N VAL C 124 4.06 3.78 3.22
CA VAL C 124 4.21 2.48 2.61
C VAL C 124 5.55 2.44 1.88
N GLY C 125 6.23 1.30 1.95
CA GLY C 125 7.46 1.09 1.17
C GLY C 125 7.75 -0.38 0.97
N HIS C 126 8.96 -0.62 0.44
CA HIS C 126 9.38 -1.98 0.12
C HIS C 126 10.82 -2.15 0.59
N ASP C 127 11.09 -3.23 1.29
CA ASP C 127 12.45 -3.55 1.74
C ASP C 127 12.79 -4.94 1.23
N THR C 128 14.01 -5.11 0.68
CA THR C 128 14.53 -6.42 0.34
C THR C 128 15.68 -6.74 1.27
N PHE C 129 15.58 -7.87 1.99
CA PHE C 129 16.60 -8.29 2.93
C PHE C 129 17.42 -9.41 2.31
N THR C 130 18.73 -9.29 2.49
CA THR C 130 19.67 -10.27 1.98
C THR C 130 20.56 -10.68 3.13
N LYS C 131 21.28 -11.79 2.90
CA LYS C 131 22.15 -12.35 3.92
C LYS C 131 23.49 -11.61 3.95
N VAL C 132 23.82 -10.89 2.88
CA VAL C 132 25.06 -10.16 2.77
C VAL C 132 24.80 -8.68 3.02
N LYS C 133 25.78 -8.03 3.63
CA LYS C 133 25.69 -6.64 4.06
C LYS C 133 25.88 -5.72 2.86
N PRO C 134 25.00 -4.71 2.62
CA PRO C 134 24.84 -4.13 1.29
C PRO C 134 26.01 -3.21 0.88
N ASP D 12 -2.43 1.78 27.37
CA ASP D 12 -3.75 1.37 26.81
C ASP D 12 -3.88 -0.15 26.82
N GLU D 13 -3.18 -0.81 27.72
CA GLU D 13 -3.22 -2.26 27.85
C GLU D 13 -4.66 -2.75 28.05
N ALA D 14 -5.39 -2.02 28.93
CA ALA D 14 -6.76 -2.33 29.28
C ALA D 14 -7.70 -1.92 28.14
N GLY D 15 -7.31 -0.89 27.38
CA GLY D 15 -8.13 -0.43 26.27
C GLY D 15 -8.08 -1.39 25.08
N ILE D 16 -6.94 -2.03 24.84
CA ILE D 16 -6.80 -2.84 23.62
C ILE D 16 -7.24 -4.29 23.88
N THR D 17 -6.94 -4.81 25.08
CA THR D 17 -7.21 -6.19 25.43
C THR D 17 -8.72 -6.43 25.33
N GLY D 18 -9.09 -7.48 24.60
CA GLY D 18 -10.48 -7.73 24.31
C GLY D 18 -10.74 -8.23 22.89
N THR D 19 -12.03 -8.25 22.56
CA THR D 19 -12.52 -8.75 21.30
C THR D 19 -12.84 -7.57 20.42
N TRP D 20 -12.42 -7.66 19.15
CA TRP D 20 -12.72 -6.63 18.20
C TRP D 20 -13.32 -7.24 16.93
N TYR D 21 -14.15 -6.46 16.24
CA TYR D 21 -14.82 -6.89 15.03
C TYR D 21 -14.56 -5.90 13.90
N ASN D 22 -14.24 -6.40 12.70
CA ASN D 22 -14.05 -5.47 11.58
C ASN D 22 -15.31 -5.46 10.72
N GLN D 23 -15.26 -4.66 9.63
CA GLN D 23 -16.42 -4.41 8.79
C GLN D 23 -16.84 -5.67 8.04
N LEU D 24 -15.99 -6.71 7.98
CA LEU D 24 -16.32 -7.93 7.31
C LEU D 24 -16.99 -8.90 8.30
N GLY D 25 -16.93 -8.59 9.60
CA GLY D 25 -17.34 -9.57 10.62
C GLY D 25 -16.23 -10.49 11.10
N SER D 26 -14.98 -10.21 10.77
CA SER D 26 -13.89 -10.99 11.32
C SER D 26 -13.76 -10.61 12.78
N THR D 27 -13.19 -11.53 13.56
CA THR D 27 -13.10 -11.40 15.00
C THR D 27 -11.63 -11.50 15.42
N PHE D 28 -11.18 -10.47 16.15
CA PHE D 28 -9.80 -10.29 16.59
C PHE D 28 -9.85 -10.36 18.13
N ILE D 29 -9.30 -11.41 18.75
CA ILE D 29 -9.23 -11.48 20.20
C ILE D 29 -7.79 -11.33 20.68
N VAL D 30 -7.51 -10.26 21.44
CA VAL D 30 -6.12 -9.88 21.69
C VAL D 30 -5.90 -9.57 23.16
N THR D 31 -4.71 -9.98 23.63
CA THR D 31 -4.19 -9.60 24.94
C THR D 31 -2.98 -8.71 24.74
N ALA D 32 -3.02 -7.51 25.34
CA ALA D 32 -1.90 -6.58 25.32
C ALA D 32 -1.12 -6.71 26.62
N GLY D 33 0.19 -6.94 26.52
CA GLY D 33 1.06 -7.07 27.69
C GLY D 33 1.69 -5.73 28.06
N ALA D 34 2.24 -5.63 29.29
CA ALA D 34 2.78 -4.35 29.74
C ALA D 34 4.04 -4.00 28.95
N ASP D 35 4.71 -5.03 28.40
CA ASP D 35 5.95 -4.95 27.64
C ASP D 35 5.74 -4.47 26.19
N GLY D 36 4.50 -4.22 25.76
CA GLY D 36 4.22 -3.86 24.39
C GLY D 36 3.83 -5.02 23.49
N ALA D 37 3.78 -6.25 24.02
CA ALA D 37 3.36 -7.43 23.25
C ALA D 37 1.84 -7.46 23.01
N LEU D 38 1.48 -7.99 21.83
CA LEU D 38 0.12 -8.38 21.46
C LEU D 38 0.17 -9.86 21.13
N THR D 39 -0.76 -10.63 21.72
CA THR D 39 -0.92 -12.04 21.39
C THR D 39 -2.39 -12.39 21.36
N GLY D 40 -2.78 -13.38 20.55
CA GLY D 40 -4.19 -13.67 20.47
C GLY D 40 -4.54 -14.55 19.29
N THR D 41 -5.83 -14.46 18.91
CA THR D 41 -6.38 -15.23 17.81
C THR D 41 -7.20 -14.34 16.90
N TYR D 42 -7.22 -14.76 15.61
CA TYR D 42 -7.92 -14.04 14.56
C TYR D 42 -8.78 -15.07 13.85
N GLU D 43 -10.02 -14.70 13.57
CA GLU D 43 -10.90 -15.54 12.77
C GLU D 43 -11.44 -14.67 11.65
N SER D 44 -11.12 -15.03 10.41
CA SER D 44 -11.54 -14.23 9.28
C SER D 44 -12.94 -14.67 8.77
N ALA D 45 -13.77 -13.70 8.45
CA ALA D 45 -15.11 -13.94 7.93
C ALA D 45 -15.02 -14.32 6.45
N VAL D 46 -13.86 -14.08 5.83
CA VAL D 46 -13.67 -14.22 4.37
C VAL D 46 -12.39 -14.98 4.04
N GLY D 47 -12.25 -15.36 2.77
CA GLY D 47 -11.03 -15.91 2.21
C GLY D 47 -10.80 -17.38 2.59
N ASN D 48 -9.57 -17.82 2.42
CA ASN D 48 -9.16 -19.22 2.59
C ASN D 48 -8.78 -19.44 4.05
N ALA D 49 -9.82 -19.45 4.92
CA ALA D 49 -9.65 -19.33 6.36
C ALA D 49 -10.75 -20.08 7.09
N GLU D 50 -10.31 -20.95 8.00
CA GLU D 50 -11.22 -21.70 8.84
C GLU D 50 -10.72 -21.69 10.29
N SER D 51 -11.64 -21.31 11.17
CA SER D 51 -11.45 -21.28 12.60
C SER D 51 -10.43 -20.19 12.94
N ARG D 52 -9.71 -20.41 14.04
CA ARG D 52 -8.90 -19.37 14.70
C ARG D 52 -7.44 -19.55 14.33
N TYR D 53 -6.71 -18.43 14.16
CA TYR D 53 -5.31 -18.46 13.81
C TYR D 53 -4.57 -17.64 14.86
N VAL D 54 -3.32 -18.03 15.16
CA VAL D 54 -2.50 -17.33 16.12
C VAL D 54 -2.13 -15.96 15.51
N LEU D 55 -2.20 -14.90 16.33
CA LEU D 55 -1.56 -13.64 15.99
C LEU D 55 -0.55 -13.22 17.04
N THR D 56 0.45 -12.46 16.58
CA THR D 56 1.37 -11.80 17.46
C THR D 56 1.62 -10.41 16.89
N GLY D 57 1.89 -9.48 17.77
CA GLY D 57 2.28 -8.15 17.39
C GLY D 57 2.84 -7.31 18.52
N ARG D 58 2.87 -6.00 18.27
CA ARG D 58 3.48 -5.02 19.17
C ARG D 58 2.64 -3.77 19.15
N TYR D 59 2.57 -3.06 20.29
CA TYR D 59 1.95 -1.76 20.34
C TYR D 59 2.87 -0.81 21.13
N ASP D 60 2.65 0.48 20.94
CA ASP D 60 3.26 1.53 21.74
C ASP D 60 2.65 1.55 23.15
N SER D 61 3.40 1.00 24.11
CA SER D 61 2.95 0.91 25.49
C SER D 61 3.21 2.18 26.31
N ALA D 62 3.71 3.25 25.69
CA ALA D 62 3.83 4.53 26.36
C ALA D 62 3.46 5.66 25.39
N PRO D 63 2.20 5.74 24.94
CA PRO D 63 1.84 6.68 23.88
C PRO D 63 1.89 8.14 24.30
N ALA D 64 1.81 9.00 23.28
CA ALA D 64 1.79 10.44 23.47
C ALA D 64 0.51 10.80 24.22
N THR D 65 0.54 11.94 24.90
CA THR D 65 -0.50 12.25 25.86
C THR D 65 -1.44 13.30 25.25
N ASP D 66 -1.29 13.53 23.94
CA ASP D 66 -1.77 14.73 23.29
C ASP D 66 -3.06 14.52 22.49
N GLY D 67 -3.71 13.37 22.66
CA GLY D 67 -4.89 13.04 21.88
C GLY D 67 -4.59 12.15 20.66
N SER D 68 -3.32 11.92 20.29
CA SER D 68 -3.06 11.07 19.15
C SER D 68 -3.34 9.60 19.50
N GLY D 69 -3.56 8.76 18.48
CA GLY D 69 -3.74 7.33 18.69
C GLY D 69 -2.49 6.59 19.12
N THR D 70 -2.71 5.33 19.51
CA THR D 70 -1.69 4.39 19.94
C THR D 70 -1.33 3.47 18.77
N ALA D 71 -0.12 3.63 18.23
CA ALA D 71 0.33 2.80 17.12
C ALA D 71 0.48 1.33 17.50
N LEU D 72 0.12 0.44 16.54
CA LEU D 72 0.23 -0.98 16.76
C LEU D 72 0.29 -1.72 15.43
N GLY D 73 0.67 -2.98 15.54
CA GLY D 73 0.64 -3.84 14.37
C GLY D 73 0.58 -5.29 14.79
N TRP D 74 0.06 -6.15 13.92
CA TRP D 74 0.14 -7.58 14.21
C TRP D 74 0.16 -8.39 12.93
N THR D 75 0.56 -9.65 13.07
CA THR D 75 0.67 -10.57 11.95
C THR D 75 -0.19 -11.80 12.23
N VAL D 76 -0.84 -12.30 11.18
CA VAL D 76 -1.37 -13.67 11.15
C VAL D 76 -0.74 -14.43 9.98
N ALA D 77 -0.13 -15.61 10.23
CA ALA D 77 0.17 -16.55 9.16
C ALA D 77 -0.99 -17.53 9.07
N TRP D 78 -1.52 -17.72 7.86
CA TRP D 78 -2.80 -18.37 7.65
C TRP D 78 -2.62 -19.89 7.63
N LYS D 79 -1.91 -20.40 8.65
CA LYS D 79 -1.75 -21.83 8.90
C LYS D 79 -2.19 -22.12 10.33
N ASN D 80 -3.13 -23.07 10.46
CA ASN D 80 -3.56 -23.56 11.75
C ASN D 80 -3.73 -25.09 11.60
N ASN D 81 -4.49 -25.70 12.51
CA ASN D 81 -4.66 -27.15 12.48
C ASN D 81 -5.61 -27.63 11.40
N TYR D 82 -6.43 -26.71 10.86
CA TYR D 82 -7.42 -27.02 9.84
C TYR D 82 -6.94 -26.79 8.41
N ARG D 83 -6.09 -25.76 8.17
CA ARG D 83 -5.91 -25.25 6.82
C ARG D 83 -4.60 -24.48 6.74
N ASN D 84 -3.97 -24.48 5.56
CA ASN D 84 -2.81 -23.66 5.31
C ASN D 84 -3.02 -22.96 3.97
N ALA D 85 -3.15 -21.61 3.98
CA ALA D 85 -3.30 -20.84 2.77
C ALA D 85 -1.97 -20.33 2.21
N HIS D 86 -0.83 -20.69 2.83
CA HIS D 86 0.50 -20.27 2.38
C HIS D 86 0.54 -18.75 2.15
N SER D 87 0.17 -18.02 3.20
CA SER D 87 0.03 -16.57 3.09
C SER D 87 0.08 -16.03 4.51
N ALA D 88 0.34 -14.73 4.61
CA ALA D 88 0.36 -14.04 5.89
C ALA D 88 -0.17 -12.62 5.68
N THR D 89 -0.87 -12.10 6.70
CA THR D 89 -1.34 -10.73 6.66
C THR D 89 -0.76 -9.98 7.84
N THR D 90 -0.31 -8.76 7.58
CA THR D 90 0.02 -7.82 8.62
C THR D 90 -0.95 -6.63 8.59
N TRP D 91 -1.40 -6.23 9.78
CA TRP D 91 -2.17 -5.03 10.01
C TRP D 91 -1.34 -4.01 10.75
N SER D 92 -1.32 -2.80 10.20
CA SER D 92 -0.60 -1.68 10.77
C SER D 92 -1.62 -0.56 11.02
N GLY D 93 -1.64 0.00 12.21
CA GLY D 93 -2.74 0.88 12.52
C GLY D 93 -2.57 1.60 13.85
N GLN D 94 -3.70 2.17 14.31
CA GLN D 94 -3.70 2.83 15.59
C GLN D 94 -5.02 2.58 16.29
N TYR D 95 -4.89 2.49 17.61
CA TYR D 95 -6.00 2.41 18.54
C TYR D 95 -6.37 3.83 18.96
N VAL D 96 -7.68 4.13 18.85
CA VAL D 96 -8.28 5.38 19.31
C VAL D 96 -9.30 5.00 20.38
N GLY D 97 -9.16 5.57 21.57
CA GLY D 97 -9.93 5.14 22.73
C GLY D 97 -11.26 5.92 22.88
N GLY D 98 -12.00 5.60 23.95
CA GLY D 98 -13.26 6.28 24.26
C GLY D 98 -14.47 5.36 24.12
N ALA D 99 -15.66 5.96 24.06
CA ALA D 99 -16.91 5.23 23.95
C ALA D 99 -17.06 4.65 22.54
N GLU D 100 -16.57 5.40 21.54
CA GLU D 100 -16.50 4.93 20.17
C GLU D 100 -15.06 4.47 19.83
N ALA D 101 -14.49 3.64 20.71
CA ALA D 101 -13.15 3.09 20.56
C ALA D 101 -13.07 2.33 19.24
N ARG D 102 -11.96 2.52 18.54
CA ARG D 102 -11.76 1.80 17.29
C ARG D 102 -10.27 1.53 17.08
N ILE D 103 -9.99 0.50 16.29
CA ILE D 103 -8.64 0.31 15.74
C ILE D 103 -8.74 0.45 14.23
N ASN D 104 -8.08 1.48 13.70
CA ASN D 104 -8.08 1.81 12.28
C ASN D 104 -6.79 1.26 11.68
N THR D 105 -6.94 0.37 10.70
CA THR D 105 -5.79 -0.32 10.14
C THR D 105 -5.77 -0.27 8.62
N GLN D 106 -4.54 -0.45 8.13
N GLN D 106 -4.55 -0.36 8.09
CA GLN D 106 -4.32 -0.89 6.76
CA GLN D 106 -4.31 -0.85 6.74
C GLN D 106 -3.48 -2.17 6.82
C GLN D 106 -3.63 -2.22 6.89
N TRP D 107 -3.67 -3.04 5.84
CA TRP D 107 -3.12 -4.37 5.92
C TRP D 107 -2.47 -4.75 4.59
N LEU D 108 -1.53 -5.71 4.67
CA LEU D 108 -0.82 -6.30 3.54
C LEU D 108 -0.94 -7.81 3.70
N LEU D 109 -1.47 -8.50 2.67
N LEU D 109 -1.57 -8.47 2.73
CA LEU D 109 -1.62 -9.95 2.68
CA LEU D 109 -1.58 -9.91 2.64
C LEU D 109 -0.75 -10.53 1.57
C LEU D 109 -0.58 -10.33 1.58
N THR D 110 0.40 -11.15 1.96
CA THR D 110 1.35 -11.69 1.00
C THR D 110 1.11 -13.21 0.91
N ALA D 111 0.96 -13.66 -0.31
CA ALA D 111 0.93 -15.09 -0.59
C ALA D 111 2.30 -15.54 -1.11
N GLY D 112 2.68 -16.78 -0.76
CA GLY D 112 3.88 -17.37 -1.30
C GLY D 112 3.72 -17.52 -2.82
N THR D 113 4.68 -17.03 -3.58
CA THR D 113 4.63 -17.14 -5.03
C THR D 113 6.00 -17.58 -5.54
N THR D 114 6.09 -17.98 -6.83
CA THR D 114 7.40 -18.07 -7.47
C THR D 114 7.95 -16.66 -7.68
N GLU D 115 9.25 -16.59 -7.92
CA GLU D 115 9.91 -15.30 -8.08
C GLU D 115 9.38 -14.60 -9.33
N ALA D 116 8.98 -15.39 -10.34
CA ALA D 116 8.39 -14.84 -11.55
C ALA D 116 7.05 -14.15 -11.24
N ASN D 117 6.31 -14.64 -10.23
CA ASN D 117 5.00 -14.11 -9.95
C ASN D 117 5.03 -13.21 -8.71
N ALA D 118 6.22 -12.79 -8.27
CA ALA D 118 6.37 -12.07 -7.02
C ALA D 118 5.74 -10.69 -7.12
N TRP D 119 5.62 -10.17 -8.35
CA TRP D 119 4.96 -8.88 -8.53
C TRP D 119 3.52 -8.93 -8.05
N ALA D 120 2.93 -10.14 -8.04
CA ALA D 120 1.50 -10.28 -7.79
C ALA D 120 1.26 -10.93 -6.43
N SER D 121 2.22 -10.81 -5.51
CA SER D 121 2.17 -11.56 -4.27
C SER D 121 1.26 -10.91 -3.23
N THR D 122 1.04 -9.58 -3.30
CA THR D 122 0.60 -8.84 -2.11
C THR D 122 -0.68 -8.02 -2.37
N LEU D 123 -1.73 -8.33 -1.60
CA LEU D 123 -2.96 -7.54 -1.53
C LEU D 123 -2.82 -6.49 -0.45
N VAL D 124 -3.51 -5.34 -0.65
CA VAL D 124 -3.59 -4.27 0.33
C VAL D 124 -5.05 -3.92 0.56
N GLY D 125 -5.39 -3.63 1.81
CA GLY D 125 -6.74 -3.23 2.13
C GLY D 125 -6.75 -2.41 3.40
N HIS D 126 -7.96 -2.16 3.92
CA HIS D 126 -8.09 -1.42 5.16
C HIS D 126 -9.19 -2.07 5.98
N ASP D 127 -8.94 -2.22 7.29
CA ASP D 127 -9.93 -2.78 8.20
C ASP D 127 -10.09 -1.81 9.35
N THR D 128 -11.36 -1.54 9.73
CA THR D 128 -11.66 -0.77 10.91
C THR D 128 -12.33 -1.71 11.92
N PHE D 129 -11.75 -1.81 13.10
CA PHE D 129 -12.26 -2.71 14.12
C PHE D 129 -12.98 -1.89 15.19
N THR D 130 -14.12 -2.40 15.66
CA THR D 130 -14.81 -1.74 16.78
C THR D 130 -15.16 -2.80 17.80
N LYS D 131 -15.66 -2.35 18.97
CA LYS D 131 -15.88 -3.28 20.07
C LYS D 131 -17.28 -3.94 19.99
N VAL D 132 -18.19 -3.47 19.15
CA VAL D 132 -19.50 -4.09 19.05
C VAL D 132 -19.72 -4.49 17.59
N LYS D 133 -20.62 -5.48 17.35
CA LYS D 133 -20.97 -6.02 16.03
C LYS D 133 -20.20 -7.32 15.80
#